data_4D4L
#
_entry.id   4D4L
#
_cell.length_a   102.280
_cell.length_b   102.280
_cell.length_c   256.890
_cell.angle_alpha   90.00
_cell.angle_beta   90.00
_cell.angle_gamma   120.00
#
_symmetry.space_group_name_H-M   'P 65 2 2'
#
loop_
_entity.id
_entity.type
_entity.pdbx_description
1 polymer '6-PHOSPHOFRUCTO-2-KINASE/FRUCTOSE-2,6-BISPHOSPHATASE 3'
2 non-polymer 'PHOSPHONIC ACID'
3 non-polymer 'PHOSPHATE ION'
4 non-polymer 6-O-phosphono-beta-D-fructofuranose
5 non-polymer 5-(4-chlorophenyl)-7-phenyl-3,7-dihydro-4H-pyrrolo[2,3-d]pyrimidin-4-one
6 water water
#
_entity_poly.entity_id   1
_entity_poly.type   'polypeptide(L)'
_entity_poly.pdbx_seq_one_letter_code
;MPLELTQSRVQKIWVPVDHRPSLPRSCGPKLTNSPTVIVMVGLPARGKTYISKKLTRYLNWIGVPTKVFNVGEYRREAVK
QYSSYNFFRPDNEEAMKVRKQCALAALRDVKSYLAKEGGQIAVFDATNTTRERRHMILHFAKENDFKAFFIESVCDDPTV
VASNIMEVKISSPDYKDCNSAEAMDDFMKRISCYEASYQPLDPDKCDRDLSLIKVIDVGRRFLVNRVQDHIQSRIVYYLM
NIHVQPRTIYLCRHGENEHNLQGRIGGDSGLSSRGKKFASALSKFVEEQNLKDLRVWTSQLKSTIQTAEALRLPYEQWKA
LNEIDAGVCEELTYEEIRDTYPEEYALREQDKYYYRYPTGESYQDLVQRLEPVIMELERQENVLVICHQAVLRCLLAYFL
DKSAEEMPYLKCPLHTVLKLTPVAYGCRVESIYLNVESVCTHRERSEDA
;
_entity_poly.pdbx_strand_id   A
#
# COMPACT_ATOMS: atom_id res chain seq x y z
N PRO A 2 -43.11 -7.54 -6.82
CA PRO A 2 -41.94 -8.15 -7.48
C PRO A 2 -40.77 -7.19 -7.67
N LEU A 3 -39.54 -7.74 -7.61
CA LEU A 3 -38.25 -7.04 -7.77
C LEU A 3 -38.11 -5.75 -6.90
N GLU A 4 -38.64 -5.80 -5.65
CA GLU A 4 -38.60 -4.67 -4.71
C GLU A 4 -37.21 -4.51 -4.11
N LEU A 5 -36.62 -3.32 -4.27
CA LEU A 5 -35.30 -3.02 -3.72
C LEU A 5 -35.34 -1.85 -2.74
N THR A 6 -34.37 -1.81 -1.82
CA THR A 6 -34.18 -0.72 -0.87
C THR A 6 -32.74 -0.22 -0.93
N GLN A 7 -32.53 1.08 -0.74
CA GLN A 7 -31.19 1.65 -0.78
C GLN A 7 -30.58 1.70 0.63
N SER A 8 -29.44 1.00 0.84
CA SER A 8 -28.74 1.00 2.14
C SER A 8 -28.33 2.44 2.51
N ARG A 9 -28.66 2.87 3.74
CA ARG A 9 -28.46 4.24 4.25
C ARG A 9 -27.03 4.78 4.18
N VAL A 10 -26.03 3.95 4.51
CA VAL A 10 -24.63 4.40 4.54
C VAL A 10 -24.02 4.43 3.12
N GLN A 11 -23.86 3.25 2.51
CA GLN A 11 -23.21 3.07 1.20
C GLN A 11 -24.10 3.39 0.00
N LYS A 12 -25.42 3.56 0.19
CA LYS A 12 -26.38 3.89 -0.86
C LYS A 12 -26.49 2.77 -1.94
N ILE A 13 -26.31 1.49 -1.52
CA ILE A 13 -26.40 0.31 -2.39
C ILE A 13 -27.82 -0.24 -2.43
N TRP A 14 -28.34 -0.48 -3.64
CA TRP A 14 -29.67 -1.05 -3.82
C TRP A 14 -29.60 -2.54 -3.56
N VAL A 15 -30.36 -2.99 -2.57
CA VAL A 15 -30.41 -4.39 -2.16
C VAL A 15 -31.85 -4.91 -2.21
N PRO A 16 -32.09 -6.23 -2.42
CA PRO A 16 -33.48 -6.71 -2.41
C PRO A 16 -34.08 -6.46 -1.04
N VAL A 17 -35.34 -5.93 -1.01
CA VAL A 17 -36.08 -5.67 0.22
C VAL A 17 -36.07 -6.99 0.94
N ASP A 18 -35.43 -6.99 2.12
CA ASP A 18 -35.24 -8.20 2.88
C ASP A 18 -36.35 -8.44 3.87
N HIS A 19 -37.42 -9.09 3.41
CA HIS A 19 -38.56 -9.47 4.22
C HIS A 19 -38.20 -10.88 4.64
N ARG A 20 -37.25 -10.98 5.57
CA ARG A 20 -36.77 -12.26 6.06
C ARG A 20 -37.93 -12.96 6.76
N PRO A 21 -38.05 -14.30 6.63
CA PRO A 21 -39.14 -14.99 7.32
C PRO A 21 -38.93 -14.99 8.84
N SER A 22 -39.87 -15.59 9.61
CA SER A 22 -39.82 -15.68 11.08
C SER A 22 -38.45 -16.16 11.61
N LEU A 23 -37.80 -17.09 10.87
CA LEU A 23 -36.47 -17.64 11.17
C LEU A 23 -35.47 -17.12 10.10
N PRO A 24 -34.88 -15.90 10.25
CA PRO A 24 -33.92 -15.43 9.24
C PRO A 24 -32.63 -16.27 9.24
N ARG A 25 -32.15 -16.65 8.04
CA ARG A 25 -30.93 -17.46 7.86
C ARG A 25 -29.78 -16.60 7.30
N SER A 26 -28.55 -16.82 7.80
CA SER A 26 -27.37 -16.04 7.41
C SER A 26 -26.64 -16.44 6.09
N CYS A 27 -26.12 -17.70 5.92
CA CYS A 27 -25.37 -18.23 4.75
C CYS A 27 -23.95 -17.60 4.61
N GLY A 28 -23.46 -17.00 5.69
CA GLY A 28 -22.16 -16.34 5.75
C GLY A 28 -20.96 -17.27 5.68
N PRO A 29 -19.79 -16.82 5.13
CA PRO A 29 -19.50 -15.49 4.57
C PRO A 29 -19.71 -15.43 3.05
N ASN A 33 -14.67 -16.19 -3.25
CA ASN A 33 -13.74 -17.04 -3.99
C ASN A 33 -12.49 -17.41 -3.17
N SER A 34 -11.91 -18.60 -3.48
CA SER A 34 -10.75 -19.21 -2.82
C SER A 34 -9.61 -18.24 -2.43
N PRO A 35 -9.13 -18.31 -1.16
CA PRO A 35 -8.02 -17.44 -0.74
C PRO A 35 -6.70 -17.84 -1.38
N THR A 36 -5.71 -16.94 -1.35
CA THR A 36 -4.41 -17.21 -1.96
C THR A 36 -3.26 -17.12 -0.98
N VAL A 37 -2.35 -18.08 -1.08
CA VAL A 37 -1.10 -18.10 -0.34
C VAL A 37 -0.05 -17.67 -1.35
N ILE A 38 0.54 -16.50 -1.13
CA ILE A 38 1.63 -15.99 -1.94
C ILE A 38 2.91 -16.54 -1.29
N VAL A 39 3.68 -17.35 -2.03
CA VAL A 39 4.91 -17.96 -1.52
C VAL A 39 6.14 -17.19 -2.01
N MET A 40 6.86 -16.54 -1.08
CA MET A 40 8.10 -15.83 -1.45
C MET A 40 9.20 -16.87 -1.60
N VAL A 41 10.04 -16.73 -2.64
CA VAL A 41 11.12 -17.69 -2.95
C VAL A 41 12.42 -16.92 -3.23
N GLY A 42 13.52 -17.40 -2.68
CA GLY A 42 14.82 -16.80 -2.90
C GLY A 42 15.76 -16.78 -1.72
N LEU A 43 17.06 -16.55 -2.02
CA LEU A 43 18.12 -16.44 -1.03
C LEU A 43 17.90 -15.21 -0.14
N PRO A 44 18.51 -15.10 1.07
CA PRO A 44 18.35 -13.86 1.87
C PRO A 44 18.92 -12.65 1.14
N ALA A 45 18.47 -11.43 1.51
CA ALA A 45 18.85 -10.13 0.94
C ALA A 45 18.48 -10.00 -0.56
N ARG A 46 17.35 -10.61 -0.95
CA ARG A 46 16.85 -10.56 -2.31
C ARG A 46 15.58 -9.70 -2.43
N GLY A 47 15.28 -8.95 -1.38
CA GLY A 47 14.13 -8.05 -1.39
C GLY A 47 12.78 -8.74 -1.24
N LYS A 48 12.76 -10.01 -0.72
CA LYS A 48 11.52 -10.75 -0.49
C LYS A 48 10.60 -10.03 0.50
N THR A 49 11.17 -9.51 1.62
CA THR A 49 10.44 -8.77 2.65
C THR A 49 9.98 -7.43 2.09
N TYR A 50 10.79 -6.80 1.24
CA TYR A 50 10.46 -5.54 0.57
C TYR A 50 9.23 -5.78 -0.31
N ILE A 51 9.24 -6.84 -1.14
CA ILE A 51 8.13 -7.22 -2.01
C ILE A 51 6.89 -7.53 -1.17
N SER A 52 7.04 -8.39 -0.14
CA SER A 52 5.97 -8.81 0.77
C SER A 52 5.22 -7.62 1.35
N LYS A 53 5.96 -6.68 1.95
CA LYS A 53 5.43 -5.50 2.63
C LYS A 53 4.76 -4.53 1.69
N LYS A 54 5.41 -4.20 0.55
CA LYS A 54 4.89 -3.27 -0.44
C LYS A 54 3.61 -3.77 -1.10
N LEU A 55 3.61 -5.05 -1.53
CA LEU A 55 2.47 -5.73 -2.14
C LEU A 55 1.27 -5.79 -1.20
N THR A 56 1.52 -6.07 0.10
CA THR A 56 0.53 -6.14 1.16
C THR A 56 -0.12 -4.77 1.38
N ARG A 57 0.71 -3.70 1.37
CA ARG A 57 0.32 -2.30 1.52
C ARG A 57 -0.64 -1.88 0.38
N TYR A 58 -0.30 -2.28 -0.86
CA TYR A 58 -1.09 -2.00 -2.04
C TYR A 58 -2.41 -2.78 -2.03
N LEU A 59 -2.34 -4.10 -1.77
CA LEU A 59 -3.52 -4.98 -1.73
C LEU A 59 -4.53 -4.57 -0.68
N ASN A 60 -4.05 -4.21 0.52
CA ASN A 60 -4.94 -3.75 1.59
C ASN A 60 -5.61 -2.44 1.22
N TRP A 61 -4.84 -1.48 0.65
CA TRP A 61 -5.32 -0.16 0.22
C TRP A 61 -6.44 -0.27 -0.84
N ILE A 62 -6.31 -1.22 -1.79
CA ILE A 62 -7.33 -1.44 -2.83
C ILE A 62 -8.53 -2.25 -2.29
N GLY A 63 -8.45 -2.73 -1.05
CA GLY A 63 -9.53 -3.46 -0.40
C GLY A 63 -9.46 -4.97 -0.39
N VAL A 64 -8.29 -5.55 -0.58
CA VAL A 64 -8.10 -7.00 -0.54
C VAL A 64 -7.40 -7.29 0.81
N PRO A 65 -8.09 -7.87 1.83
CA PRO A 65 -7.41 -8.13 3.12
C PRO A 65 -6.20 -9.03 2.95
N THR A 66 -5.02 -8.47 3.26
CA THR A 66 -3.74 -9.14 3.08
C THR A 66 -2.87 -9.05 4.34
N LYS A 67 -2.14 -10.13 4.64
CA LYS A 67 -1.24 -10.18 5.78
C LYS A 67 0.03 -10.94 5.44
N VAL A 68 1.17 -10.44 5.97
CA VAL A 68 2.49 -11.06 5.82
C VAL A 68 2.76 -11.97 7.04
N PHE A 69 3.27 -13.17 6.76
CA PHE A 69 3.68 -14.16 7.75
C PHE A 69 5.17 -14.38 7.49
N ASN A 70 6.03 -13.65 8.23
CA ASN A 70 7.49 -13.73 8.11
C ASN A 70 8.01 -14.76 9.11
N VAL A 71 8.58 -15.87 8.59
CA VAL A 71 9.08 -17.00 9.38
C VAL A 71 10.20 -16.57 10.37
N GLY A 72 11.00 -15.56 9.99
CA GLY A 72 12.06 -15.01 10.84
C GLY A 72 11.56 -14.37 12.12
N GLU A 73 10.33 -13.80 12.08
CA GLU A 73 9.69 -13.18 13.25
C GLU A 73 9.19 -14.22 14.24
N TYR A 74 8.78 -15.39 13.72
CA TYR A 74 8.34 -16.55 14.50
C TYR A 74 9.57 -17.15 15.18
N ARG A 75 10.72 -17.07 14.50
CA ARG A 75 12.01 -17.54 14.99
C ARG A 75 12.54 -16.63 16.12
N ARG A 76 12.44 -15.30 15.93
CA ARG A 76 12.86 -14.31 16.94
C ARG A 76 12.02 -14.44 18.24
N GLU A 77 10.78 -14.94 18.09
CA GLU A 77 9.81 -15.17 19.15
C GLU A 77 10.12 -16.49 19.88
N ALA A 78 10.48 -17.55 19.13
CA ALA A 78 10.79 -18.86 19.68
C ALA A 78 12.18 -18.93 20.30
N VAL A 79 13.15 -18.22 19.71
CA VAL A 79 14.53 -18.19 20.14
C VAL A 79 14.83 -16.78 20.65
N LYS A 80 14.95 -16.70 22.00
CA LYS A 80 15.28 -15.58 22.91
C LYS A 80 16.15 -14.49 22.25
N GLN A 81 17.46 -14.74 22.03
CA GLN A 81 18.35 -13.79 21.36
C GLN A 81 19.11 -14.47 20.20
N TYR A 82 19.45 -13.71 19.13
CA TYR A 82 20.21 -14.19 17.96
C TYR A 82 21.69 -14.06 18.23
N SER A 83 22.41 -15.15 18.00
CA SER A 83 23.84 -15.20 18.25
C SER A 83 24.68 -14.98 16.98
N SER A 84 24.54 -15.85 15.94
CA SER A 84 25.31 -15.77 14.69
C SER A 84 24.72 -16.63 13.55
N TYR A 85 25.39 -16.63 12.37
CA TYR A 85 25.05 -17.41 11.16
C TYR A 85 25.06 -18.93 11.45
N ASN A 86 25.74 -19.34 12.54
CA ASN A 86 25.85 -20.72 13.02
C ASN A 86 24.47 -21.33 13.27
N PHE A 87 23.45 -20.50 13.59
CA PHE A 87 22.06 -20.90 13.80
C PHE A 87 21.46 -21.39 12.46
N PHE A 88 21.94 -20.82 11.35
CA PHE A 88 21.45 -21.14 10.03
C PHE A 88 22.23 -22.26 9.32
N ARG A 89 23.25 -22.82 9.97
CA ARG A 89 24.04 -23.90 9.40
C ARG A 89 23.20 -25.11 9.02
N PRO A 90 23.41 -25.73 7.83
CA PRO A 90 22.64 -26.93 7.49
C PRO A 90 22.93 -28.11 8.42
N ASP A 91 24.10 -28.13 9.09
CA ASP A 91 24.46 -29.20 10.04
C ASP A 91 23.94 -28.94 11.47
N ASN A 92 23.27 -27.79 11.69
CA ASN A 92 22.68 -27.42 12.99
C ASN A 92 21.34 -28.14 13.15
N GLU A 93 21.37 -29.43 13.53
CA GLU A 93 20.19 -30.28 13.70
C GLU A 93 19.06 -29.63 14.53
N GLU A 94 19.40 -29.11 15.72
CA GLU A 94 18.46 -28.46 16.64
C GLU A 94 17.79 -27.20 16.05
N ALA A 95 18.58 -26.25 15.50
CA ALA A 95 18.03 -25.03 14.91
C ALA A 95 17.20 -25.35 13.66
N MET A 96 17.57 -26.41 12.89
CA MET A 96 16.82 -26.85 11.70
C MET A 96 15.41 -27.32 12.10
N LYS A 97 15.29 -28.00 13.28
CA LYS A 97 14.02 -28.46 13.83
C LYS A 97 13.19 -27.25 14.23
N VAL A 98 13.82 -26.28 14.95
CA VAL A 98 13.21 -25.04 15.41
C VAL A 98 12.67 -24.22 14.22
N ARG A 99 13.50 -24.05 13.18
CA ARG A 99 13.15 -23.32 11.96
C ARG A 99 11.97 -23.95 11.22
N LYS A 100 11.91 -25.30 11.17
CA LYS A 100 10.79 -26.02 10.56
C LYS A 100 9.50 -25.78 11.37
N GLN A 101 9.59 -25.87 12.72
CA GLN A 101 8.49 -25.63 13.65
C GLN A 101 7.92 -24.22 13.48
N CYS A 102 8.82 -23.21 13.30
CA CYS A 102 8.47 -21.81 13.06
C CYS A 102 7.70 -21.63 11.76
N ALA A 103 8.13 -22.33 10.68
CA ALA A 103 7.50 -22.29 9.36
C ALA A 103 6.10 -22.93 9.48
N LEU A 104 5.99 -24.07 10.19
CA LEU A 104 4.72 -24.77 10.41
C LEU A 104 3.75 -23.94 11.27
N ALA A 105 4.28 -23.20 12.27
CA ALA A 105 3.50 -22.32 13.13
C ALA A 105 2.98 -21.14 12.32
N ALA A 106 3.79 -20.61 11.37
CA ALA A 106 3.39 -19.53 10.47
C ALA A 106 2.28 -20.01 9.55
N LEU A 107 2.41 -21.24 9.00
CA LEU A 107 1.39 -21.85 8.13
C LEU A 107 0.07 -22.08 8.88
N ARG A 108 0.15 -22.46 10.16
CA ARG A 108 -1.00 -22.65 11.04
C ARG A 108 -1.76 -21.32 11.13
N ASP A 109 -1.02 -20.21 11.33
CA ASP A 109 -1.57 -18.86 11.37
C ASP A 109 -2.08 -18.40 10.00
N VAL A 110 -1.53 -18.95 8.90
CA VAL A 110 -1.97 -18.68 7.53
C VAL A 110 -3.38 -19.30 7.37
N LYS A 111 -3.57 -20.56 7.81
CA LYS A 111 -4.84 -21.29 7.76
C LYS A 111 -5.93 -20.54 8.54
N SER A 112 -5.59 -20.10 9.77
CA SER A 112 -6.49 -19.35 10.64
C SER A 112 -6.86 -17.99 10.03
N TYR A 113 -5.90 -17.31 9.38
CA TYR A 113 -6.14 -16.01 8.76
C TYR A 113 -7.09 -16.11 7.57
N LEU A 114 -6.83 -17.05 6.65
CA LEU A 114 -7.60 -17.25 5.43
C LEU A 114 -8.93 -17.96 5.61
N ALA A 115 -9.00 -18.97 6.49
CA ALA A 115 -10.23 -19.73 6.69
C ALA A 115 -11.14 -19.20 7.79
N LYS A 116 -10.58 -18.50 8.79
CA LYS A 116 -11.36 -18.05 9.94
C LYS A 116 -11.36 -16.54 10.24
N GLU A 117 -10.50 -15.75 9.57
CA GLU A 117 -10.46 -14.31 9.90
C GLU A 117 -10.89 -13.38 8.77
N GLY A 118 -11.35 -13.95 7.65
CA GLY A 118 -11.78 -13.16 6.52
C GLY A 118 -10.65 -12.56 5.69
N GLY A 119 -9.47 -13.14 5.82
CA GLY A 119 -8.30 -12.73 5.06
C GLY A 119 -8.40 -13.31 3.66
N GLN A 120 -7.96 -12.56 2.66
CA GLN A 120 -8.03 -13.04 1.28
C GLN A 120 -6.68 -13.50 0.76
N ILE A 121 -5.60 -12.81 1.17
CA ILE A 121 -4.24 -13.12 0.73
C ILE A 121 -3.29 -13.23 1.92
N ALA A 122 -2.53 -14.33 1.98
CA ALA A 122 -1.51 -14.53 3.00
C ALA A 122 -0.18 -14.57 2.28
N VAL A 123 0.73 -13.66 2.64
CA VAL A 123 2.04 -13.63 2.02
C VAL A 123 2.99 -14.38 2.94
N PHE A 124 3.42 -15.58 2.51
CA PHE A 124 4.35 -16.45 3.24
C PHE A 124 5.79 -16.04 2.91
N ASP A 125 6.33 -15.16 3.75
CA ASP A 125 7.65 -14.56 3.61
C ASP A 125 8.77 -15.37 4.28
N ALA A 126 9.37 -16.25 3.48
CA ALA A 126 10.48 -17.12 3.87
C ALA A 126 11.34 -17.37 2.64
N THR A 127 12.47 -18.07 2.82
CA THR A 127 13.39 -18.41 1.73
C THR A 127 12.73 -19.38 0.76
N ASN A 128 12.07 -20.46 1.28
CA ASN A 128 11.36 -21.50 0.49
C ASN A 128 12.18 -21.88 -0.77
N THR A 129 13.50 -22.03 -0.56
CA THR A 129 14.55 -22.27 -1.54
C THR A 129 14.63 -23.71 -2.04
N THR A 130 14.08 -24.67 -1.28
CA THR A 130 14.10 -26.08 -1.65
C THR A 130 12.76 -26.52 -2.21
N ARG A 131 12.78 -27.48 -3.15
CA ARG A 131 11.57 -28.07 -3.76
C ARG A 131 10.75 -28.76 -2.66
N GLU A 132 11.43 -29.42 -1.69
CA GLU A 132 10.83 -30.09 -0.54
C GLU A 132 9.94 -29.13 0.25
N ARG A 133 10.48 -27.95 0.67
CA ARG A 133 9.70 -26.95 1.40
C ARG A 133 8.49 -26.49 0.58
N ARG A 134 8.70 -26.22 -0.72
CA ARG A 134 7.64 -25.75 -1.61
C ARG A 134 6.57 -26.81 -1.85
N HIS A 135 6.95 -28.10 -1.88
CA HIS A 135 6.02 -29.23 -2.05
C HIS A 135 5.12 -29.32 -0.86
N MET A 136 5.69 -29.08 0.32
CA MET A 136 5.00 -29.08 1.60
C MET A 136 4.00 -27.90 1.64
N ILE A 137 4.38 -26.70 1.13
CA ILE A 137 3.49 -25.53 1.10
C ILE A 137 2.34 -25.79 0.12
N LEU A 138 2.63 -26.42 -1.03
CA LEU A 138 1.64 -26.79 -2.03
C LEU A 138 0.63 -27.77 -1.44
N HIS A 139 1.14 -28.80 -0.72
CA HIS A 139 0.30 -29.81 -0.07
C HIS A 139 -0.65 -29.13 0.91
N PHE A 140 -0.10 -28.22 1.74
CA PHE A 140 -0.84 -27.41 2.71
C PHE A 140 -1.93 -26.58 2.03
N ALA A 141 -1.62 -25.98 0.87
CA ALA A 141 -2.56 -25.17 0.10
C ALA A 141 -3.67 -26.04 -0.50
N LYS A 142 -3.31 -27.16 -1.18
CA LYS A 142 -4.28 -28.09 -1.79
C LYS A 142 -5.25 -28.66 -0.76
N GLU A 143 -4.74 -29.15 0.40
CA GLU A 143 -5.58 -29.72 1.44
C GLU A 143 -6.54 -28.71 2.11
N ASN A 144 -6.18 -27.40 2.13
CA ASN A 144 -6.98 -26.33 2.70
C ASN A 144 -7.80 -25.53 1.68
N ASP A 145 -7.76 -25.96 0.40
CA ASP A 145 -8.44 -25.35 -0.74
C ASP A 145 -7.98 -23.89 -0.97
N PHE A 146 -6.68 -23.63 -0.77
CA PHE A 146 -6.07 -22.32 -0.99
C PHE A 146 -5.32 -22.37 -2.30
N LYS A 147 -5.29 -21.25 -2.99
CA LYS A 147 -4.51 -21.14 -4.22
C LYS A 147 -3.08 -20.83 -3.80
N ALA A 148 -2.10 -21.25 -4.61
CA ALA A 148 -0.70 -20.95 -4.37
C ALA A 148 -0.13 -20.20 -5.55
N PHE A 149 0.54 -19.06 -5.27
CA PHE A 149 1.18 -18.21 -6.27
C PHE A 149 2.59 -17.91 -5.76
N PHE A 150 3.60 -18.27 -6.56
CA PHE A 150 5.00 -18.10 -6.17
C PHE A 150 5.63 -16.84 -6.73
N ILE A 151 6.36 -16.11 -5.88
CA ILE A 151 7.08 -14.91 -6.28
C ILE A 151 8.53 -15.13 -5.90
N GLU A 152 9.36 -15.35 -6.91
CA GLU A 152 10.78 -15.58 -6.70
C GLU A 152 11.58 -14.35 -7.10
N SER A 153 12.51 -13.94 -6.24
CA SER A 153 13.40 -12.83 -6.53
C SER A 153 14.80 -13.40 -6.73
N VAL A 154 15.31 -13.28 -7.97
CA VAL A 154 16.62 -13.76 -8.40
C VAL A 154 17.52 -12.57 -8.70
N CYS A 155 18.68 -12.49 -8.02
CA CYS A 155 19.68 -11.45 -8.23
C CYS A 155 21.04 -11.93 -7.77
N ASP A 156 22.04 -11.88 -8.66
CA ASP A 156 23.38 -12.32 -8.26
C ASP A 156 24.39 -11.17 -8.22
N ASP A 157 23.90 -9.92 -8.34
CA ASP A 157 24.71 -8.71 -8.28
C ASP A 157 25.18 -8.45 -6.82
N PRO A 158 26.52 -8.49 -6.54
CA PRO A 158 26.98 -8.26 -5.15
C PRO A 158 26.75 -6.86 -4.62
N THR A 159 26.62 -5.87 -5.52
CA THR A 159 26.36 -4.46 -5.18
C THR A 159 24.94 -4.34 -4.58
N VAL A 160 23.97 -5.01 -5.22
CA VAL A 160 22.55 -5.04 -4.83
C VAL A 160 22.40 -5.75 -3.46
N VAL A 161 23.12 -6.89 -3.29
CA VAL A 161 23.12 -7.69 -2.05
C VAL A 161 23.68 -6.85 -0.88
N ALA A 162 24.87 -6.22 -1.10
CA ALA A 162 25.53 -5.36 -0.11
C ALA A 162 24.68 -4.17 0.30
N SER A 163 24.00 -3.54 -0.68
CA SER A 163 23.08 -2.39 -0.50
C SER A 163 21.90 -2.78 0.40
N ASN A 164 21.31 -3.97 0.17
CA ASN A 164 20.19 -4.49 0.95
C ASN A 164 20.62 -4.76 2.40
N ILE A 165 21.82 -5.32 2.59
CA ILE A 165 22.36 -5.60 3.92
C ILE A 165 22.56 -4.29 4.71
N MET A 166 23.13 -3.27 4.04
CA MET A 166 23.40 -1.94 4.58
C MET A 166 22.12 -1.15 4.88
N GLU A 167 21.13 -1.23 3.97
CA GLU A 167 19.88 -0.48 4.10
C GLU A 167 18.95 -1.02 5.18
N VAL A 168 18.71 -2.35 5.20
CA VAL A 168 17.71 -2.88 6.11
C VAL A 168 18.13 -4.13 6.95
N LYS A 169 19.24 -4.82 6.59
CA LYS A 169 19.64 -6.00 7.37
C LYS A 169 20.43 -5.66 8.63
N ILE A 170 21.46 -4.80 8.53
CA ILE A 170 22.32 -4.41 9.67
C ILE A 170 21.50 -3.77 10.81
N SER A 171 20.37 -3.11 10.47
CA SER A 171 19.45 -2.46 11.40
C SER A 171 18.37 -3.41 11.96
N SER A 172 18.46 -4.71 11.61
CA SER A 172 17.55 -5.76 12.07
C SER A 172 17.71 -6.02 13.58
N PRO A 173 16.63 -6.40 14.32
CA PRO A 173 16.78 -6.66 15.77
C PRO A 173 17.80 -7.74 16.14
N ASP A 174 18.17 -8.60 15.15
CA ASP A 174 19.16 -9.66 15.26
C ASP A 174 20.57 -9.10 15.48
N TYR A 175 20.85 -7.91 14.92
CA TYR A 175 22.15 -7.25 14.93
C TYR A 175 22.23 -6.00 15.83
N LYS A 176 21.39 -5.94 16.89
CA LYS A 176 21.30 -4.83 17.85
C LYS A 176 22.62 -4.51 18.55
N ASP A 177 23.33 -5.55 19.01
CA ASP A 177 24.61 -5.43 19.71
C ASP A 177 25.83 -5.40 18.79
N CYS A 178 25.61 -5.54 17.46
CA CYS A 178 26.67 -5.55 16.44
C CYS A 178 26.89 -4.22 15.75
N ASN A 179 28.14 -3.97 15.27
CA ASN A 179 28.46 -2.80 14.46
C ASN A 179 28.27 -3.20 12.99
N SER A 180 28.12 -2.21 12.11
CA SER A 180 27.86 -2.39 10.68
C SER A 180 28.74 -3.46 9.99
N ALA A 181 30.06 -3.50 10.29
CA ALA A 181 31.01 -4.44 9.69
C ALA A 181 30.79 -5.89 10.12
N GLU A 182 30.54 -6.13 11.43
CA GLU A 182 30.34 -7.50 11.92
C GLU A 182 29.01 -8.08 11.44
N ALA A 183 27.93 -7.26 11.49
CA ALA A 183 26.60 -7.62 11.01
C ALA A 183 26.62 -7.97 9.51
N MET A 184 27.33 -7.17 8.68
CA MET A 184 27.47 -7.40 7.22
C MET A 184 28.19 -8.74 6.98
N ASP A 185 29.31 -8.98 7.69
CA ASP A 185 30.10 -10.20 7.59
C ASP A 185 29.30 -11.45 7.99
N ASP A 186 28.57 -11.37 9.12
CA ASP A 186 27.70 -12.47 9.62
C ASP A 186 26.59 -12.77 8.62
N PHE A 187 25.98 -11.71 8.04
CA PHE A 187 24.91 -11.88 7.07
C PHE A 187 25.38 -12.55 5.76
N MET A 188 26.62 -12.26 5.31
CA MET A 188 27.17 -12.89 4.11
C MET A 188 27.34 -14.40 4.33
N LYS A 189 27.81 -14.79 5.53
CA LYS A 189 27.98 -16.19 5.95
C LYS A 189 26.60 -16.87 6.05
N ARG A 190 25.60 -16.14 6.57
CA ARG A 190 24.20 -16.55 6.71
C ARG A 190 23.59 -16.90 5.33
N ILE A 191 23.87 -16.07 4.29
CA ILE A 191 23.43 -16.27 2.90
C ILE A 191 24.04 -17.57 2.36
N SER A 192 25.35 -17.77 2.60
CA SER A 192 26.10 -18.95 2.16
C SER A 192 25.52 -20.28 2.67
N CYS A 193 24.89 -20.27 3.87
CA CYS A 193 24.23 -21.44 4.49
C CYS A 193 23.08 -21.97 3.61
N TYR A 194 22.43 -21.08 2.83
CA TYR A 194 21.30 -21.40 1.97
C TYR A 194 21.65 -21.75 0.51
N GLU A 195 22.84 -21.36 0.04
CA GLU A 195 23.27 -21.51 -1.35
C GLU A 195 23.34 -22.96 -1.87
N ALA A 196 23.84 -23.91 -1.04
CA ALA A 196 23.99 -25.32 -1.44
C ALA A 196 22.66 -26.03 -1.75
N SER A 197 21.62 -25.84 -0.91
CA SER A 197 20.32 -26.47 -1.09
C SER A 197 19.34 -25.70 -1.98
N TYR A 198 19.70 -24.47 -2.40
CA TYR A 198 18.86 -23.62 -3.23
C TYR A 198 18.59 -24.21 -4.63
N GLN A 199 17.30 -24.47 -4.90
CA GLN A 199 16.77 -24.97 -6.15
C GLN A 199 15.83 -23.88 -6.69
N PRO A 200 16.31 -23.03 -7.63
CA PRO A 200 15.43 -21.97 -8.18
C PRO A 200 14.18 -22.54 -8.85
N LEU A 201 13.14 -21.70 -9.06
CA LEU A 201 11.93 -22.16 -9.73
C LEU A 201 12.28 -22.49 -11.17
N ASP A 202 11.76 -23.60 -11.67
CA ASP A 202 12.02 -24.02 -13.05
C ASP A 202 10.69 -24.12 -13.81
N PRO A 203 10.13 -23.02 -14.34
CA PRO A 203 8.84 -23.13 -15.05
C PRO A 203 8.91 -23.91 -16.36
N ASP A 204 10.14 -24.15 -16.86
CA ASP A 204 10.39 -24.88 -18.10
C ASP A 204 10.08 -26.37 -17.95
N LYS A 205 10.60 -27.01 -16.89
CA LYS A 205 10.37 -28.43 -16.70
C LYS A 205 9.66 -28.77 -15.39
N CYS A 206 10.33 -28.63 -14.24
CA CYS A 206 9.83 -29.02 -12.92
C CYS A 206 8.62 -28.23 -12.41
N ASP A 207 8.66 -26.90 -12.46
CA ASP A 207 7.60 -26.05 -11.94
C ASP A 207 6.64 -25.53 -13.02
N ARG A 208 6.52 -26.29 -14.14
CA ARG A 208 5.68 -25.95 -15.30
C ARG A 208 4.20 -25.71 -14.95
N ASP A 209 3.66 -26.46 -13.99
CA ASP A 209 2.26 -26.35 -13.59
C ASP A 209 2.02 -25.35 -12.46
N LEU A 210 3.09 -24.77 -11.90
CA LEU A 210 2.94 -23.79 -10.82
C LEU A 210 2.67 -22.38 -11.36
N SER A 211 1.86 -21.60 -10.63
CA SER A 211 1.54 -20.21 -10.92
C SER A 211 2.64 -19.39 -10.29
N LEU A 212 3.46 -18.74 -11.11
CA LEU A 212 4.60 -18.04 -10.58
C LEU A 212 5.05 -16.81 -11.36
N ILE A 213 5.84 -15.98 -10.70
CA ILE A 213 6.55 -14.84 -11.23
C ILE A 213 7.98 -14.91 -10.72
N LYS A 214 8.93 -14.79 -11.64
CA LYS A 214 10.35 -14.71 -11.37
C LYS A 214 10.72 -13.26 -11.64
N VAL A 215 11.09 -12.53 -10.59
CA VAL A 215 11.56 -11.14 -10.66
C VAL A 215 13.08 -11.30 -10.77
N ILE A 216 13.64 -10.97 -11.94
CA ILE A 216 15.07 -11.11 -12.21
C ILE A 216 15.75 -9.73 -12.23
N ASP A 217 16.89 -9.63 -11.55
CA ASP A 217 17.76 -8.44 -11.48
C ASP A 217 17.03 -7.15 -11.13
N VAL A 218 16.32 -7.18 -9.98
CA VAL A 218 15.57 -6.05 -9.40
C VAL A 218 14.54 -5.48 -10.44
N GLY A 219 13.78 -6.39 -11.04
CA GLY A 219 12.71 -6.04 -11.98
C GLY A 219 13.09 -5.63 -13.39
N ARG A 220 14.28 -6.02 -13.83
CA ARG A 220 14.78 -5.74 -15.17
C ARG A 220 14.11 -6.71 -16.16
N ARG A 221 13.84 -7.94 -15.68
CA ARG A 221 13.28 -9.04 -16.46
C ARG A 221 12.31 -9.86 -15.60
N PHE A 222 11.30 -10.48 -16.26
CA PHE A 222 10.29 -11.28 -15.56
C PHE A 222 9.95 -12.54 -16.31
N LEU A 223 9.78 -13.63 -15.56
CA LEU A 223 9.29 -14.89 -16.10
C LEU A 223 7.95 -15.11 -15.42
N VAL A 224 6.87 -15.11 -16.20
CA VAL A 224 5.51 -15.26 -15.70
C VAL A 224 4.93 -16.57 -16.18
N ASN A 225 4.50 -17.42 -15.25
CA ASN A 225 3.95 -18.72 -15.62
C ASN A 225 2.59 -18.98 -14.98
N ARG A 226 1.64 -19.38 -15.84
CA ARG A 226 0.27 -19.79 -15.49
C ARG A 226 -0.48 -18.85 -14.53
N VAL A 227 -0.72 -17.58 -14.93
CA VAL A 227 -1.50 -16.65 -14.10
C VAL A 227 -2.97 -17.11 -14.19
N GLN A 228 -3.48 -17.66 -13.07
CA GLN A 228 -4.82 -18.23 -12.96
C GLN A 228 -5.96 -17.24 -12.88
N ASP A 229 -5.79 -16.15 -12.10
CA ASP A 229 -6.90 -15.24 -11.85
C ASP A 229 -6.58 -13.73 -11.88
N HIS A 230 -7.59 -12.91 -11.52
CA HIS A 230 -7.58 -11.45 -11.48
C HIS A 230 -6.53 -10.89 -10.53
N ILE A 231 -6.50 -11.40 -9.29
CA ILE A 231 -5.58 -10.90 -8.27
C ILE A 231 -4.10 -11.17 -8.63
N GLN A 232 -3.77 -12.35 -9.18
CA GLN A 232 -2.41 -12.72 -9.61
C GLN A 232 -1.97 -11.82 -10.76
N SER A 233 -2.91 -11.53 -11.67
CA SER A 233 -2.66 -10.65 -12.81
C SER A 233 -2.36 -9.22 -12.36
N ARG A 234 -3.08 -8.74 -11.32
CA ARG A 234 -2.90 -7.42 -10.71
C ARG A 234 -1.53 -7.29 -10.04
N ILE A 235 -1.12 -8.36 -9.30
CA ILE A 235 0.17 -8.46 -8.59
C ILE A 235 1.30 -8.35 -9.61
N VAL A 236 1.19 -9.12 -10.70
CA VAL A 236 2.17 -9.14 -11.78
C VAL A 236 2.33 -7.73 -12.38
N TYR A 237 1.20 -7.05 -12.65
CA TYR A 237 1.18 -5.68 -13.20
C TYR A 237 1.86 -4.71 -12.23
N TYR A 238 1.55 -4.83 -10.92
CA TYR A 238 2.12 -3.99 -9.87
C TYR A 238 3.65 -4.12 -9.80
N LEU A 239 4.15 -5.38 -9.74
CA LEU A 239 5.58 -5.72 -9.70
C LEU A 239 6.34 -5.20 -10.89
N MET A 240 5.68 -5.14 -12.04
CA MET A 240 6.26 -4.61 -13.26
C MET A 240 6.30 -3.09 -13.31
N ASN A 241 5.53 -2.40 -12.43
CA ASN A 241 5.45 -0.93 -12.42
C ASN A 241 6.29 -0.27 -11.33
N ILE A 242 6.48 -0.97 -10.20
CA ILE A 242 7.30 -0.47 -9.09
C ILE A 242 8.78 -0.51 -9.46
N HIS A 243 9.61 0.27 -8.75
CA HIS A 243 11.07 0.35 -8.89
C HIS A 243 11.69 0.77 -7.56
N VAL A 244 13.02 0.64 -7.44
CA VAL A 244 13.78 1.01 -6.23
C VAL A 244 14.73 2.18 -6.48
N GLN A 245 14.53 2.89 -7.60
CA GLN A 245 15.32 4.06 -7.96
C GLN A 245 15.03 5.22 -7.01
N PRO A 246 16.05 6.03 -6.61
CA PRO A 246 15.78 7.13 -5.68
C PRO A 246 14.95 8.23 -6.33
N ARG A 247 14.01 8.80 -5.55
CA ARG A 247 13.09 9.85 -5.98
C ARG A 247 12.31 10.47 -4.81
N THR A 248 11.55 11.54 -5.10
CA THR A 248 10.76 12.23 -4.08
C THR A 248 9.34 12.44 -4.58
N ILE A 249 8.35 12.23 -3.69
CA ILE A 249 6.95 12.47 -3.99
C ILE A 249 6.50 13.65 -3.13
N TYR A 250 6.08 14.73 -3.76
CA TYR A 250 5.58 15.89 -3.05
C TYR A 250 4.07 15.91 -3.24
N LEU A 251 3.34 16.02 -2.14
CA LEU A 251 1.89 16.05 -2.16
C LEU A 251 1.43 17.32 -1.45
N CYS A 252 0.47 18.02 -2.05
CA CYS A 252 -0.12 19.21 -1.46
C CYS A 252 -1.50 19.44 -2.02
N ARG A 253 -2.25 20.33 -1.37
CA ARG A 253 -3.57 20.72 -1.83
C ARG A 253 -3.38 21.98 -2.65
N HIS A 254 -4.41 22.36 -3.39
CA HIS A 254 -4.45 23.63 -4.11
C HIS A 254 -4.32 24.74 -3.05
N GLY A 255 -3.94 25.94 -3.44
CA GLY A 255 -3.92 27.07 -2.52
C GLY A 255 -5.33 27.37 -2.10
N GLU A 256 -5.54 27.97 -0.92
CA GLU A 256 -6.88 28.31 -0.39
C GLU A 256 -7.81 28.87 -1.47
N ASN A 257 -9.05 28.37 -1.54
CA ASN A 257 -10.00 28.84 -2.54
C ASN A 257 -11.15 29.65 -1.93
N GLU A 258 -12.02 30.23 -2.77
CA GLU A 258 -13.15 31.04 -2.30
C GLU A 258 -14.16 30.24 -1.46
N HIS A 259 -14.39 28.95 -1.81
CA HIS A 259 -15.28 28.05 -1.07
C HIS A 259 -14.72 27.75 0.31
N ASN A 260 -13.38 27.65 0.43
CA ASN A 260 -12.70 27.44 1.71
C ASN A 260 -13.04 28.58 2.65
N LEU A 261 -13.00 29.83 2.15
CA LEU A 261 -13.30 31.03 2.94
C LEU A 261 -14.75 31.07 3.44
N GLN A 262 -15.69 30.55 2.62
CA GLN A 262 -17.13 30.51 2.94
C GLN A 262 -17.52 29.24 3.71
N GLY A 263 -16.57 28.34 3.91
CA GLY A 263 -16.79 27.05 4.57
C GLY A 263 -17.65 26.10 3.76
N ARG A 264 -17.62 26.25 2.41
CA ARG A 264 -18.39 25.43 1.46
C ARG A 264 -17.60 24.25 0.93
N ILE A 265 -18.26 23.09 0.79
CA ILE A 265 -17.64 21.86 0.29
C ILE A 265 -17.83 21.73 -1.22
N GLY A 266 -16.92 21.01 -1.87
CA GLY A 266 -16.94 20.77 -3.30
C GLY A 266 -16.84 22.04 -4.12
N GLY A 267 -17.58 22.06 -5.23
CA GLY A 267 -17.59 23.18 -6.17
C GLY A 267 -16.32 23.25 -7.01
N ASP A 268 -16.19 24.32 -7.80
CA ASP A 268 -15.02 24.53 -8.65
C ASP A 268 -14.56 25.98 -8.55
N SER A 269 -14.47 26.50 -7.32
CA SER A 269 -14.06 27.87 -7.06
C SER A 269 -12.56 28.10 -7.32
N GLY A 270 -12.20 29.37 -7.51
CA GLY A 270 -10.83 29.79 -7.75
C GLY A 270 -10.09 30.16 -6.48
N LEU A 271 -8.76 30.34 -6.61
CA LEU A 271 -7.88 30.71 -5.51
C LEU A 271 -8.25 32.05 -4.92
N SER A 272 -8.18 32.14 -3.59
CA SER A 272 -8.36 33.37 -2.82
C SER A 272 -7.02 34.13 -2.93
N SER A 273 -6.92 35.34 -2.36
CA SER A 273 -5.68 36.11 -2.38
C SER A 273 -4.54 35.35 -1.69
N ARG A 274 -4.85 34.66 -0.56
CA ARG A 274 -3.89 33.84 0.19
C ARG A 274 -3.49 32.60 -0.63
N GLY A 275 -4.45 31.97 -1.31
CA GLY A 275 -4.22 30.82 -2.18
C GLY A 275 -3.21 31.14 -3.27
N LYS A 276 -3.33 32.34 -3.88
CA LYS A 276 -2.41 32.84 -4.91
C LYS A 276 -1.02 33.09 -4.29
N LYS A 277 -0.96 33.55 -3.02
CA LYS A 277 0.30 33.76 -2.30
C LYS A 277 0.99 32.41 -2.06
N PHE A 278 0.20 31.35 -1.71
CA PHE A 278 0.74 29.99 -1.54
C PHE A 278 1.33 29.49 -2.84
N ALA A 279 0.60 29.69 -3.95
CA ALA A 279 1.02 29.26 -5.28
C ALA A 279 2.41 29.83 -5.62
N SER A 280 2.65 31.13 -5.32
CA SER A 280 3.95 31.78 -5.50
C SER A 280 4.98 31.17 -4.54
N ALA A 281 4.58 30.94 -3.28
CA ALA A 281 5.45 30.35 -2.27
C ALA A 281 5.87 28.93 -2.69
N LEU A 282 4.94 28.16 -3.31
CA LEU A 282 5.16 26.80 -3.83
C LEU A 282 6.20 26.80 -4.95
N SER A 283 6.13 27.80 -5.85
CA SER A 283 7.09 27.95 -6.94
C SER A 283 8.51 28.12 -6.39
N LYS A 284 8.67 29.00 -5.36
CA LYS A 284 9.95 29.25 -4.70
C LYS A 284 10.46 27.96 -4.06
N PHE A 285 9.55 27.26 -3.32
CA PHE A 285 9.87 25.99 -2.68
C PHE A 285 10.37 24.97 -3.71
N VAL A 286 9.62 24.76 -4.81
CA VAL A 286 9.95 23.82 -5.88
C VAL A 286 11.34 24.12 -6.48
N GLU A 287 11.60 25.40 -6.77
CA GLU A 287 12.86 25.92 -7.29
C GLU A 287 14.02 25.55 -6.35
N GLU A 288 13.83 25.79 -5.03
CA GLU A 288 14.81 25.51 -3.98
C GLU A 288 15.13 24.02 -3.81
N GLN A 289 14.24 23.12 -4.27
CA GLN A 289 14.44 21.68 -4.18
C GLN A 289 15.48 21.17 -5.20
N ASN A 290 15.76 21.99 -6.25
CA ASN A 290 16.75 21.74 -7.32
C ASN A 290 16.65 20.33 -7.91
N LEU A 291 15.44 19.96 -8.37
CA LEU A 291 15.17 18.65 -8.94
C LEU A 291 15.43 18.64 -10.42
N LYS A 292 16.29 17.70 -10.90
CA LYS A 292 16.69 17.52 -12.30
C LYS A 292 15.47 17.48 -13.24
N ASP A 293 14.48 16.66 -12.88
CA ASP A 293 13.21 16.52 -13.58
C ASP A 293 12.14 16.46 -12.53
N LEU A 294 10.95 17.00 -12.83
CA LEU A 294 9.80 16.96 -11.92
C LEU A 294 8.52 16.90 -12.73
N ARG A 295 7.68 15.90 -12.46
CA ARG A 295 6.38 15.78 -13.12
C ARG A 295 5.40 16.46 -12.19
N VAL A 296 4.50 17.28 -12.74
CA VAL A 296 3.50 17.99 -11.95
C VAL A 296 2.13 17.51 -12.35
N TRP A 297 1.34 17.04 -11.38
CA TRP A 297 0.00 16.54 -11.60
C TRP A 297 -1.01 17.36 -10.82
N THR A 298 -2.14 17.66 -11.46
CA THR A 298 -3.24 18.42 -10.88
C THR A 298 -4.52 17.66 -11.13
N SER A 299 -5.63 18.15 -10.55
CA SER A 299 -6.97 17.65 -10.81
C SER A 299 -7.48 18.48 -12.01
N GLN A 300 -8.74 18.30 -12.39
CA GLN A 300 -9.31 19.11 -13.46
C GLN A 300 -10.06 20.31 -12.87
N LEU A 301 -10.00 20.49 -11.55
CA LEU A 301 -10.64 21.59 -10.86
C LEU A 301 -9.71 22.80 -10.84
N LYS A 302 -10.28 23.99 -11.13
CA LYS A 302 -9.63 25.29 -11.26
C LYS A 302 -8.53 25.60 -10.22
N SER A 303 -8.83 25.40 -8.92
CA SER A 303 -7.94 25.76 -7.82
C SER A 303 -6.58 25.06 -7.89
N THR A 304 -6.52 23.78 -8.31
CA THR A 304 -5.24 23.05 -8.42
C THR A 304 -4.47 23.50 -9.66
N ILE A 305 -5.19 23.83 -10.75
CA ILE A 305 -4.61 24.28 -12.02
C ILE A 305 -3.98 25.66 -11.85
N GLN A 306 -4.67 26.57 -11.13
CA GLN A 306 -4.18 27.91 -10.85
C GLN A 306 -2.90 27.84 -10.02
N THR A 307 -2.83 26.89 -9.05
CA THR A 307 -1.67 26.67 -8.20
C THR A 307 -0.48 26.22 -9.07
N ALA A 308 -0.70 25.25 -9.99
CA ALA A 308 0.32 24.75 -10.91
C ALA A 308 0.79 25.83 -11.88
N GLU A 309 -0.13 26.72 -12.30
CA GLU A 309 0.17 27.82 -13.22
C GLU A 309 1.27 28.73 -12.67
N ALA A 310 1.33 28.90 -11.35
CA ALA A 310 2.33 29.73 -10.67
C ALA A 310 3.75 29.15 -10.74
N LEU A 311 3.86 27.83 -10.96
CA LEU A 311 5.16 27.12 -11.01
C LEU A 311 5.96 27.36 -12.28
N ARG A 312 5.26 27.70 -13.38
CA ARG A 312 5.82 27.90 -14.72
C ARG A 312 6.52 26.60 -15.18
N LEU A 313 5.88 25.46 -14.87
CA LEU A 313 6.35 24.13 -15.22
C LEU A 313 5.24 23.40 -15.95
N PRO A 314 5.57 22.50 -16.90
CA PRO A 314 4.48 21.73 -17.53
C PRO A 314 3.78 20.82 -16.51
N TYR A 315 2.46 20.71 -16.63
CA TYR A 315 1.65 19.89 -15.73
C TYR A 315 0.59 19.10 -16.47
N GLU A 316 0.12 18.03 -15.84
CA GLU A 316 -0.88 17.12 -16.40
C GLU A 316 -2.09 17.12 -15.49
N GLN A 317 -3.29 17.31 -16.07
CA GLN A 317 -4.55 17.31 -15.32
C GLN A 317 -5.16 15.92 -15.32
N TRP A 318 -5.50 15.41 -14.13
CA TRP A 318 -6.13 14.10 -13.99
C TRP A 318 -7.52 14.29 -13.42
N LYS A 319 -8.56 13.78 -14.12
CA LYS A 319 -9.93 13.82 -13.59
C LYS A 319 -10.00 12.92 -12.34
N ALA A 320 -9.15 11.88 -12.26
CA ALA A 320 -9.09 10.98 -11.10
C ALA A 320 -8.63 11.70 -9.81
N LEU A 321 -7.99 12.88 -9.93
CA LEU A 321 -7.52 13.67 -8.80
C LEU A 321 -8.53 14.69 -8.29
N ASN A 322 -9.70 14.81 -8.98
CA ASN A 322 -10.79 15.71 -8.59
C ASN A 322 -11.28 15.36 -7.22
N GLU A 323 -11.63 16.36 -6.40
CA GLU A 323 -12.10 16.13 -5.04
C GLU A 323 -13.30 15.19 -4.99
N ILE A 324 -13.47 14.48 -3.84
CA ILE A 324 -14.60 13.60 -3.57
C ILE A 324 -15.91 14.33 -3.98
N ASP A 325 -16.81 13.62 -4.70
CA ASP A 325 -18.07 14.21 -5.14
C ASP A 325 -19.08 14.14 -4.00
N ALA A 326 -19.56 15.32 -3.55
CA ALA A 326 -20.51 15.39 -2.44
C ALA A 326 -21.99 15.24 -2.85
N GLY A 327 -22.23 14.96 -4.12
CA GLY A 327 -23.57 14.77 -4.68
C GLY A 327 -24.48 15.96 -4.45
N VAL A 328 -25.60 15.74 -3.74
CA VAL A 328 -26.60 16.76 -3.41
C VAL A 328 -26.06 17.82 -2.41
N CYS A 329 -25.00 17.47 -1.66
CA CYS A 329 -24.38 18.34 -0.66
C CYS A 329 -23.29 19.26 -1.25
N GLU A 330 -23.03 19.19 -2.56
CA GLU A 330 -22.05 20.04 -3.22
C GLU A 330 -22.38 21.52 -3.03
N GLU A 331 -21.36 22.35 -2.77
CA GLU A 331 -21.40 23.82 -2.61
C GLU A 331 -22.10 24.31 -1.34
N LEU A 332 -22.43 23.39 -0.44
CA LEU A 332 -23.09 23.65 0.84
C LEU A 332 -22.05 23.75 1.94
N THR A 333 -22.38 24.46 3.02
CA THR A 333 -21.50 24.53 4.19
C THR A 333 -21.88 23.31 5.05
N TYR A 334 -21.03 22.92 6.02
CA TYR A 334 -21.33 21.78 6.89
C TYR A 334 -22.55 22.07 7.78
N GLU A 335 -22.78 23.35 8.13
CA GLU A 335 -23.92 23.80 8.92
C GLU A 335 -25.20 23.59 8.12
N GLU A 336 -25.19 23.97 6.82
CA GLU A 336 -26.31 23.79 5.90
C GLU A 336 -26.59 22.30 5.66
N ILE A 337 -25.55 21.44 5.72
CA ILE A 337 -25.69 19.99 5.54
C ILE A 337 -26.41 19.43 6.76
N ARG A 338 -25.97 19.79 7.97
CA ARG A 338 -26.57 19.35 9.23
C ARG A 338 -28.02 19.79 9.37
N ASP A 339 -28.37 20.98 8.87
CA ASP A 339 -29.74 21.50 8.98
C ASP A 339 -30.69 20.98 7.90
N THR A 340 -30.22 20.81 6.66
CA THR A 340 -31.05 20.31 5.54
C THR A 340 -31.09 18.77 5.51
N TYR A 341 -29.95 18.12 5.77
CA TYR A 341 -29.80 16.66 5.75
C TYR A 341 -29.21 16.14 7.10
N PRO A 342 -29.97 16.22 8.23
CA PRO A 342 -29.41 15.76 9.52
C PRO A 342 -29.11 14.27 9.61
N GLU A 343 -29.92 13.43 8.95
CA GLU A 343 -29.76 11.97 8.90
C GLU A 343 -28.45 11.64 8.17
N GLU A 344 -28.24 12.28 7.01
CA GLU A 344 -27.05 12.12 6.17
C GLU A 344 -25.78 12.55 6.91
N TYR A 345 -25.83 13.70 7.62
CA TYR A 345 -24.73 14.28 8.40
C TYR A 345 -24.28 13.29 9.48
N ALA A 346 -25.23 12.77 10.28
CA ALA A 346 -24.95 11.79 11.35
C ALA A 346 -24.40 10.45 10.82
N LEU A 347 -24.96 9.94 9.68
CA LEU A 347 -24.52 8.69 9.04
C LEU A 347 -23.04 8.77 8.63
N ARG A 348 -22.62 9.91 8.06
CA ARG A 348 -21.25 10.18 7.63
C ARG A 348 -20.30 10.23 8.81
N GLU A 349 -20.69 10.95 9.89
CA GLU A 349 -19.91 11.08 11.13
C GLU A 349 -19.63 9.73 11.76
N GLN A 350 -20.61 8.80 11.64
CA GLN A 350 -20.52 7.45 12.20
C GLN A 350 -19.70 6.49 11.34
N ASP A 351 -19.73 6.66 10.01
CA ASP A 351 -19.02 5.76 9.09
C ASP A 351 -18.41 6.56 7.93
N LYS A 352 -17.43 7.43 8.22
CA LYS A 352 -16.82 8.34 7.25
C LYS A 352 -16.16 7.69 6.03
N TYR A 353 -15.58 6.49 6.14
CA TYR A 353 -14.93 5.84 5.00
C TYR A 353 -15.92 5.26 3.99
N TYR A 354 -16.94 4.53 4.49
CA TYR A 354 -17.92 3.84 3.66
C TYR A 354 -19.12 4.68 3.26
N TYR A 355 -19.40 5.76 4.01
CA TYR A 355 -20.51 6.64 3.71
C TYR A 355 -20.42 7.21 2.31
N ARG A 356 -21.51 7.08 1.55
CA ARG A 356 -21.59 7.65 0.22
C ARG A 356 -22.59 8.80 0.25
N TYR A 357 -22.19 9.97 -0.26
CA TYR A 357 -23.07 11.14 -0.37
C TYR A 357 -24.17 10.80 -1.39
N PRO A 358 -25.44 11.27 -1.23
CA PRO A 358 -26.48 10.95 -2.23
C PRO A 358 -26.14 11.54 -3.59
N THR A 359 -26.05 10.65 -4.61
CA THR A 359 -25.65 10.94 -6.01
C THR A 359 -24.15 11.32 -6.06
N GLY A 360 -23.45 11.01 -4.96
CA GLY A 360 -22.03 11.31 -4.78
C GLY A 360 -21.16 10.11 -4.47
N GLU A 361 -20.02 10.38 -3.83
CA GLU A 361 -19.01 9.37 -3.54
C GLU A 361 -18.72 9.15 -2.06
N SER A 362 -17.97 8.06 -1.80
CA SER A 362 -17.39 7.67 -0.53
C SER A 362 -15.87 7.70 -0.70
N TYR A 363 -15.11 7.62 0.42
CA TYR A 363 -13.64 7.51 0.41
C TYR A 363 -13.30 6.19 -0.29
N GLN A 364 -14.17 5.17 -0.11
CA GLN A 364 -14.04 3.86 -0.76
C GLN A 364 -14.04 4.03 -2.29
N ASP A 365 -14.94 4.89 -2.84
CA ASP A 365 -15.00 5.18 -4.28
C ASP A 365 -13.73 5.88 -4.74
N LEU A 366 -13.22 6.81 -3.90
CA LEU A 366 -11.98 7.55 -4.17
C LEU A 366 -10.80 6.61 -4.44
N VAL A 367 -10.60 5.59 -3.57
CA VAL A 367 -9.56 4.56 -3.68
C VAL A 367 -9.61 3.91 -5.06
N GLN A 368 -10.81 3.48 -5.50
CA GLN A 368 -10.99 2.83 -6.80
C GLN A 368 -10.56 3.75 -7.95
N ARG A 369 -10.91 5.04 -7.85
CA ARG A 369 -10.59 6.11 -8.80
C ARG A 369 -9.09 6.41 -8.82
N LEU A 370 -8.46 6.37 -7.64
CA LEU A 370 -7.06 6.74 -7.47
C LEU A 370 -6.07 5.60 -7.76
N GLU A 371 -6.56 4.34 -7.92
CA GLU A 371 -5.69 3.18 -8.24
C GLU A 371 -4.76 3.50 -9.44
N PRO A 372 -5.28 4.00 -10.62
CA PRO A 372 -4.37 4.32 -11.73
C PRO A 372 -3.35 5.40 -11.37
N VAL A 373 -3.70 6.34 -10.46
CA VAL A 373 -2.82 7.42 -10.01
C VAL A 373 -1.63 6.79 -9.27
N ILE A 374 -1.93 5.87 -8.34
CA ILE A 374 -0.96 5.13 -7.53
C ILE A 374 0.00 4.32 -8.42
N MET A 375 -0.55 3.60 -9.42
CA MET A 375 0.21 2.79 -10.34
C MET A 375 1.19 3.66 -11.14
N GLU A 376 0.74 4.86 -11.56
CA GLU A 376 1.59 5.79 -12.29
C GLU A 376 2.61 6.45 -11.36
N LEU A 377 2.24 6.73 -10.09
CA LEU A 377 3.16 7.30 -9.09
C LEU A 377 4.31 6.35 -8.83
N GLU A 378 4.03 5.04 -8.85
CA GLU A 378 5.00 3.97 -8.68
C GLU A 378 6.02 3.95 -9.82
N ARG A 379 5.56 4.07 -11.07
CA ARG A 379 6.37 4.09 -12.28
C ARG A 379 7.33 5.30 -12.36
N GLN A 380 6.85 6.46 -11.91
CA GLN A 380 7.54 7.75 -11.97
C GLN A 380 8.64 7.95 -10.95
N GLU A 381 9.35 9.08 -11.05
CA GLU A 381 10.42 9.44 -10.14
C GLU A 381 9.99 10.63 -9.28
N ASN A 382 10.43 11.86 -9.61
CA ASN A 382 10.08 13.06 -8.85
C ASN A 382 8.73 13.54 -9.33
N VAL A 383 7.73 13.56 -8.44
CA VAL A 383 6.37 13.96 -8.81
C VAL A 383 5.80 14.91 -7.75
N LEU A 384 5.11 15.95 -8.22
CA LEU A 384 4.40 16.89 -7.37
C LEU A 384 2.92 16.74 -7.72
N VAL A 385 2.10 16.37 -6.74
CA VAL A 385 0.67 16.17 -6.91
C VAL A 385 -0.02 17.30 -6.15
N ILE A 386 -0.72 18.19 -6.89
CA ILE A 386 -1.48 19.31 -6.34
C ILE A 386 -2.94 18.84 -6.38
N CYS A 387 -3.52 18.51 -5.21
CA CYS A 387 -4.86 17.98 -5.23
C CYS A 387 -5.80 18.59 -4.17
N HIS A 388 -6.65 17.76 -3.54
CA HIS A 388 -7.70 18.15 -2.61
C HIS A 388 -7.64 17.31 -1.34
N GLN A 389 -8.23 17.81 -0.25
CA GLN A 389 -8.20 17.23 1.10
C GLN A 389 -8.47 15.72 1.13
N ALA A 390 -9.65 15.24 0.63
CA ALA A 390 -10.00 13.81 0.67
C ALA A 390 -9.11 12.96 -0.24
N VAL A 391 -8.75 13.47 -1.44
CA VAL A 391 -7.87 12.80 -2.40
C VAL A 391 -6.48 12.59 -1.74
N LEU A 392 -5.96 13.66 -1.11
CA LEU A 392 -4.67 13.66 -0.43
C LEU A 392 -4.64 12.63 0.71
N ARG A 393 -5.70 12.60 1.56
CA ARG A 393 -5.81 11.62 2.64
C ARG A 393 -5.70 10.19 2.07
N CYS A 394 -6.38 9.89 0.93
CA CYS A 394 -6.35 8.57 0.29
C CYS A 394 -4.98 8.17 -0.21
N LEU A 395 -4.29 9.10 -0.88
CA LEU A 395 -2.95 8.86 -1.40
C LEU A 395 -1.98 8.64 -0.24
N LEU A 396 -2.07 9.51 0.80
CA LEU A 396 -1.24 9.45 1.99
C LEU A 396 -1.43 8.13 2.74
N ALA A 397 -2.68 7.65 2.83
CA ALA A 397 -2.98 6.37 3.47
C ALA A 397 -2.30 5.23 2.73
N TYR A 398 -2.16 5.33 1.39
CA TYR A 398 -1.44 4.32 0.62
C TYR A 398 0.06 4.34 0.98
N PHE A 399 0.71 5.51 0.91
CA PHE A 399 2.14 5.66 1.18
C PHE A 399 2.53 5.38 2.63
N LEU A 400 1.67 5.78 3.58
CA LEU A 400 1.91 5.64 5.02
C LEU A 400 1.27 4.40 5.64
N ASP A 401 0.69 3.50 4.81
CA ASP A 401 0.02 2.26 5.24
C ASP A 401 -1.02 2.51 6.36
N LYS A 402 -1.91 3.49 6.16
CA LYS A 402 -2.99 3.82 7.10
C LYS A 402 -4.24 3.05 6.69
N SER A 403 -5.01 2.59 7.70
CA SER A 403 -6.25 1.84 7.48
C SER A 403 -7.38 2.70 6.93
N ALA A 404 -8.43 2.03 6.40
CA ALA A 404 -9.65 2.66 5.87
C ALA A 404 -10.32 3.52 6.96
N GLU A 405 -10.31 3.05 8.22
CA GLU A 405 -10.85 3.76 9.37
C GLU A 405 -10.08 5.04 9.70
N GLU A 406 -8.72 5.03 9.60
CA GLU A 406 -7.97 6.25 9.88
C GLU A 406 -7.95 7.24 8.72
N MET A 407 -7.96 6.75 7.47
CA MET A 407 -7.92 7.53 6.23
C MET A 407 -8.77 8.82 6.21
N PRO A 408 -10.10 8.85 6.52
CA PRO A 408 -10.85 10.10 6.44
C PRO A 408 -10.47 11.17 7.47
N TYR A 409 -9.57 10.85 8.41
CA TYR A 409 -9.17 11.77 9.49
C TYR A 409 -7.70 12.20 9.45
N LEU A 410 -6.94 11.79 8.41
CA LEU A 410 -5.54 12.17 8.27
C LEU A 410 -5.45 13.68 8.09
N LYS A 411 -4.49 14.32 8.79
CA LYS A 411 -4.27 15.77 8.73
C LYS A 411 -3.53 16.16 7.47
N CYS A 412 -4.21 16.93 6.60
CA CYS A 412 -3.68 17.41 5.33
C CYS A 412 -3.98 18.90 5.25
N PRO A 413 -3.27 19.76 6.04
CA PRO A 413 -3.59 21.19 6.03
C PRO A 413 -3.28 21.89 4.70
N LEU A 414 -3.94 23.04 4.49
CA LEU A 414 -3.72 23.89 3.33
C LEU A 414 -2.34 24.54 3.47
N HIS A 415 -1.74 24.89 2.32
CA HIS A 415 -0.46 25.62 2.21
C HIS A 415 0.73 24.89 2.86
N THR A 416 0.66 23.55 2.85
CA THR A 416 1.63 22.64 3.44
C THR A 416 1.97 21.51 2.46
N VAL A 417 3.26 21.35 2.17
CA VAL A 417 3.78 20.30 1.27
C VAL A 417 4.18 19.08 2.11
N LEU A 418 3.75 17.90 1.69
CA LEU A 418 4.13 16.64 2.32
C LEU A 418 5.17 16.00 1.41
N LYS A 419 6.43 15.99 1.88
CA LYS A 419 7.58 15.48 1.16
C LYS A 419 7.80 14.02 1.55
N LEU A 420 7.61 13.11 0.59
CA LEU A 420 7.73 11.68 0.81
C LEU A 420 9.00 11.12 0.20
N THR A 421 9.85 10.52 1.05
CA THR A 421 11.11 9.92 0.59
C THR A 421 11.08 8.42 0.88
N PRO A 422 11.06 7.58 -0.19
CA PRO A 422 11.04 6.12 0.02
C PRO A 422 12.37 5.68 0.61
N VAL A 423 12.31 5.05 1.79
CA VAL A 423 13.46 4.53 2.51
C VAL A 423 13.07 3.25 3.27
N ALA A 424 13.93 2.20 3.14
CA ALA A 424 13.79 0.87 3.74
C ALA A 424 12.51 0.15 3.27
N TYR A 425 11.51 0.00 4.16
CA TYR A 425 10.25 -0.67 3.82
C TYR A 425 9.02 0.26 3.75
N GLY A 426 9.24 1.58 3.65
CA GLY A 426 8.16 2.55 3.56
C GLY A 426 8.59 3.95 3.15
N CYS A 427 7.92 4.96 3.71
CA CYS A 427 8.18 6.37 3.41
C CYS A 427 8.58 7.21 4.61
N ARG A 428 9.60 8.07 4.43
CA ARG A 428 9.98 9.09 5.40
C ARG A 428 9.08 10.26 4.97
N VAL A 429 8.36 10.87 5.94
CA VAL A 429 7.46 11.98 5.66
C VAL A 429 7.96 13.26 6.36
N GLU A 430 8.19 14.32 5.57
CA GLU A 430 8.60 15.64 6.02
C GLU A 430 7.46 16.58 5.66
N SER A 431 7.07 17.44 6.59
CA SER A 431 6.02 18.42 6.35
C SER A 431 6.68 19.79 6.16
N ILE A 432 6.27 20.54 5.13
CA ILE A 432 6.82 21.88 4.87
C ILE A 432 5.69 22.89 4.70
N TYR A 433 5.43 23.68 5.76
CA TYR A 433 4.42 24.74 5.74
C TYR A 433 5.05 25.92 5.03
N LEU A 434 4.37 26.48 4.01
CA LEU A 434 4.96 27.53 3.19
C LEU A 434 4.63 28.96 3.66
N ASN A 435 4.36 29.11 4.97
CA ASN A 435 4.19 30.36 5.69
C ASN A 435 3.16 31.34 5.08
N VAL A 436 2.03 30.80 4.62
CA VAL A 436 0.92 31.58 4.08
C VAL A 436 -0.32 31.13 4.85
N GLU A 437 -1.02 32.10 5.48
CA GLU A 437 -2.23 31.87 6.25
C GLU A 437 -3.36 31.33 5.39
N SER A 438 -4.23 30.53 6.00
CA SER A 438 -5.42 29.95 5.38
C SER A 438 -6.41 29.58 6.47
N VAL A 439 -7.63 29.22 6.07
CA VAL A 439 -8.65 28.70 6.98
C VAL A 439 -8.26 27.24 7.28
N CYS A 440 -8.88 26.63 8.30
CA CYS A 440 -8.65 25.23 8.65
C CYS A 440 -9.86 24.45 8.17
N THR A 441 -9.63 23.39 7.37
CA THR A 441 -10.72 22.58 6.84
C THR A 441 -10.75 21.20 7.50
N HIS A 442 -9.82 20.94 8.45
CA HIS A 442 -9.77 19.68 9.17
C HIS A 442 -10.87 19.59 10.23
N ARG A 443 -11.60 18.47 10.25
CA ARG A 443 -12.67 18.19 11.20
C ARG A 443 -12.42 16.81 11.80
N GLU A 444 -12.16 16.77 13.12
CA GLU A 444 -11.91 15.54 13.89
C GLU A 444 -13.20 14.78 14.08
N ARG A 445 -13.11 13.47 14.44
CA ARG A 445 -14.28 12.63 14.68
C ARG A 445 -15.06 13.07 15.95
N SER A 446 -16.40 12.87 15.96
CA SER A 446 -17.28 13.25 17.07
C SER A 446 -18.18 12.07 17.40
#